data_4JNN
#
_entry.id   4JNN
#
_cell.length_a   42.791
_cell.length_b   109.952
_cell.length_c   76.875
_cell.angle_alpha   90.00
_cell.angle_beta   90.00
_cell.angle_gamma   90.00
#
_symmetry.space_group_name_H-M   'C 2 2 21'
#
loop_
_entity.id
_entity.type
_entity.pdbx_description
1 polymer 'Transcriptional regulator'
2 non-polymer BENZAMIDINE
3 non-polymer BETA-MERCAPTOETHANOL
4 water water
#
_entity_poly.entity_id   1
_entity_poly.type   'polypeptide(L)'
_entity_poly.pdbx_seq_one_letter_code
;QSEARRRILETAWRLIARRGYHNVRIHDIASELGTSNATIHYHFPSKKDILLEALRRNVKLAFDRQVAELHTIADARERL
VRLVELQLPTPGLLRDEWSVWLQVWTESTLNPKIRDLYNDAYDRWYQTIA(MSE)TIRTGQKQGVFRDQDADELATRLSA
LIDGLGIQVLTGKRGCSVDH(MSE)RQHLNDFIEHNIVERRP
;
_entity_poly.pdbx_strand_id   A
#
loop_
_chem_comp.id
_chem_comp.type
_chem_comp.name
_chem_comp.formula
BEN non-polymer BENZAMIDINE 'C7 H8 N2'
BME non-polymer BETA-MERCAPTOETHANOL 'C2 H6 O S'
#
# COMPACT_ATOMS: atom_id res chain seq x y z
N GLN A 1 -12.23 -17.56 -20.09
CA GLN A 1 -11.46 -18.30 -19.05
C GLN A 1 -10.11 -17.63 -18.73
N SER A 2 -10.10 -16.29 -18.74
CA SER A 2 -9.00 -15.47 -18.20
C SER A 2 -9.22 -15.31 -16.69
N GLU A 3 -10.26 -15.99 -16.20
CA GLU A 3 -10.47 -16.28 -14.79
C GLU A 3 -9.20 -16.88 -14.16
N ALA A 4 -8.60 -17.85 -14.85
CA ALA A 4 -7.42 -18.56 -14.35
C ALA A 4 -6.23 -17.62 -14.19
N ARG A 5 -6.18 -16.58 -15.03
CA ARG A 5 -5.21 -15.49 -14.87
C ARG A 5 -5.31 -14.85 -13.49
N ARG A 6 -6.53 -14.52 -13.10
CA ARG A 6 -6.79 -13.87 -11.83
C ARG A 6 -6.49 -14.77 -10.63
N ARG A 7 -6.90 -16.04 -10.67
CA ARG A 7 -6.54 -16.97 -9.58
C ARG A 7 -5.03 -17.04 -9.46
N ILE A 8 -4.33 -17.09 -10.59
CA ILE A 8 -2.87 -17.14 -10.55
C ILE A 8 -2.36 -15.90 -9.85
N LEU A 9 -2.90 -14.73 -10.17
CA LEU A 9 -2.39 -13.52 -9.49
C LEU A 9 -2.74 -13.40 -8.02
N GLU A 10 -3.95 -13.82 -7.65
CA GLU A 10 -4.42 -13.74 -6.25
C GLU A 10 -3.52 -14.66 -5.39
N THR A 11 -3.30 -15.90 -5.86
CA THR A 11 -2.29 -16.82 -5.27
C THR A 11 -0.84 -16.30 -5.24
N ALA A 12 -0.36 -15.80 -6.35
CA ALA A 12 0.99 -15.20 -6.40
C ALA A 12 1.13 -14.08 -5.35
N TRP A 13 0.15 -13.17 -5.28
CA TRP A 13 0.19 -12.04 -4.31
C TRP A 13 0.39 -12.54 -2.89
N ARG A 14 -0.47 -13.47 -2.54
CA ARG A 14 -0.51 -13.98 -1.21
C ARG A 14 0.82 -14.67 -0.88
N LEU A 15 1.35 -15.46 -1.82
CA LEU A 15 2.61 -16.13 -1.57
C LEU A 15 3.81 -15.18 -1.49
N ILE A 16 3.87 -14.21 -2.39
CA ILE A 16 4.93 -13.19 -2.31
C ILE A 16 4.84 -12.44 -0.97
N ALA A 17 3.62 -12.07 -0.58
CA ALA A 17 3.39 -11.33 0.67
C ALA A 17 3.82 -12.13 1.90
N ARG A 18 3.50 -13.41 1.94
CA ARG A 18 3.80 -14.18 3.16
C ARG A 18 5.12 -14.92 3.18
N ARG A 19 5.68 -15.26 2.02
CA ARG A 19 6.92 -16.06 2.01
C ARG A 19 8.09 -15.24 1.47
N GLY A 20 7.80 -14.22 0.69
CA GLY A 20 8.87 -13.45 0.10
C GLY A 20 8.96 -13.85 -1.37
N TYR A 21 8.87 -12.84 -2.24
CA TYR A 21 8.91 -13.00 -3.69
C TYR A 21 10.02 -13.92 -4.12
N HIS A 22 11.23 -13.73 -3.58
CA HIS A 22 12.37 -14.61 -3.93
C HIS A 22 12.33 -16.06 -3.39
N ASN A 23 11.50 -16.33 -2.39
CA ASN A 23 11.32 -17.74 -1.95
C ASN A 23 10.18 -18.44 -2.60
N VAL A 24 9.46 -17.79 -3.49
CA VAL A 24 8.36 -18.41 -4.22
C VAL A 24 8.83 -18.94 -5.56
N ARG A 25 8.58 -20.22 -5.83
CA ARG A 25 8.85 -20.84 -7.14
C ARG A 25 7.51 -20.94 -7.84
N ILE A 26 7.56 -21.02 -9.17
CA ILE A 26 6.35 -21.15 -9.97
C ILE A 26 5.65 -22.48 -9.55
N HIS A 27 6.41 -23.48 -9.22
CA HIS A 27 5.74 -24.69 -8.83
C HIS A 27 4.96 -24.55 -7.48
N ASP A 28 5.25 -23.51 -6.68
CA ASP A 28 4.55 -23.27 -5.40
C ASP A 28 3.18 -22.72 -5.75
N ILE A 29 3.13 -21.93 -6.83
CA ILE A 29 1.90 -21.36 -7.33
C ILE A 29 0.99 -22.40 -7.96
N ALA A 30 1.54 -23.20 -8.86
CA ALA A 30 0.82 -24.29 -9.47
C ALA A 30 0.25 -25.30 -8.43
N SER A 31 1.09 -25.81 -7.52
CA SER A 31 0.67 -26.64 -6.38
C SER A 31 -0.58 -26.11 -5.66
N GLU A 32 -0.60 -24.80 -5.43
CA GLU A 32 -1.65 -24.12 -4.68
C GLU A 32 -2.94 -24.13 -5.49
N LEU A 33 -2.82 -24.05 -6.81
CA LEU A 33 -3.97 -24.03 -7.72
C LEU A 33 -4.28 -25.32 -8.45
N GLY A 34 -3.29 -26.22 -8.57
CA GLY A 34 -3.48 -27.48 -9.28
C GLY A 34 -3.22 -27.42 -10.79
N THR A 35 -2.86 -26.24 -11.31
CA THR A 35 -2.46 -26.06 -12.72
C THR A 35 -0.99 -26.52 -12.90
N SER A 36 -0.43 -26.43 -14.11
CA SER A 36 0.93 -26.89 -14.32
C SER A 36 1.83 -25.68 -14.30
N ASN A 37 3.11 -25.90 -13.99
CA ASN A 37 4.17 -24.90 -14.29
C ASN A 37 4.01 -24.30 -15.71
N ALA A 38 3.74 -25.16 -16.69
CA ALA A 38 3.48 -24.70 -18.05
C ALA A 38 2.28 -23.72 -18.15
N THR A 39 1.15 -24.05 -17.51
CA THR A 39 0.02 -23.11 -17.51
C THR A 39 0.46 -21.71 -17.05
N ILE A 40 1.13 -21.64 -15.90
CA ILE A 40 1.51 -20.36 -15.26
C ILE A 40 2.44 -19.51 -16.18
N HIS A 41 3.41 -20.19 -16.81
CA HIS A 41 4.34 -19.54 -17.74
C HIS A 41 3.69 -19.08 -19.03
N TYR A 42 2.53 -19.62 -19.39
CA TYR A 42 1.78 -19.15 -20.55
C TYR A 42 1.31 -17.70 -20.32
N HIS A 43 0.72 -17.42 -19.17
CA HIS A 43 0.18 -16.08 -18.86
C HIS A 43 1.25 -15.09 -18.42
N PHE A 44 2.25 -15.62 -17.72
CA PHE A 44 3.34 -14.80 -17.20
C PHE A 44 4.67 -15.46 -17.50
N PRO A 45 5.34 -15.01 -18.58
CA PRO A 45 6.54 -15.64 -19.11
C PRO A 45 7.74 -15.61 -18.17
N SER A 46 7.71 -14.77 -17.15
CA SER A 46 8.79 -14.73 -16.19
C SER A 46 8.23 -14.46 -14.82
N LYS A 47 9.11 -14.51 -13.85
CA LYS A 47 8.70 -14.40 -12.48
C LYS A 47 8.45 -12.92 -12.16
N LYS A 48 9.24 -12.10 -12.82
CA LYS A 48 9.14 -10.65 -12.77
C LYS A 48 7.79 -10.15 -13.26
N ASP A 49 7.21 -10.79 -14.27
CA ASP A 49 5.92 -10.33 -14.81
C ASP A 49 4.91 -10.69 -13.77
N ILE A 50 5.13 -11.82 -13.13
CA ILE A 50 4.26 -12.21 -12.05
C ILE A 50 4.21 -11.16 -10.95
N LEU A 51 5.36 -10.70 -10.47
CA LEU A 51 5.38 -9.68 -9.44
C LEU A 51 4.74 -8.40 -9.99
N LEU A 52 5.08 -8.01 -11.24
CA LEU A 52 4.66 -6.71 -11.79
C LEU A 52 3.13 -6.68 -11.91
N GLU A 53 2.53 -7.75 -12.38
CA GLU A 53 1.07 -7.79 -12.56
C GLU A 53 0.31 -8.00 -11.27
N ALA A 54 0.89 -8.73 -10.32
CA ALA A 54 0.22 -8.94 -9.02
C ALA A 54 0.21 -7.61 -8.31
N LEU A 55 1.34 -6.93 -8.29
CA LEU A 55 1.43 -5.58 -7.78
C LEU A 55 0.48 -4.54 -8.46
N ARG A 56 0.38 -4.56 -9.78
CA ARG A 56 -0.53 -3.70 -10.49
C ARG A 56 -1.98 -3.95 -10.10
N ARG A 57 -2.31 -5.23 -9.91
CA ARG A 57 -3.67 -5.64 -9.53
C ARG A 57 -3.97 -5.17 -8.08
N ASN A 58 -2.99 -5.22 -7.20
CA ASN A 58 -3.24 -4.85 -5.81
C ASN A 58 -3.33 -3.35 -5.59
N VAL A 59 -2.44 -2.61 -6.22
CA VAL A 59 -2.55 -1.16 -6.35
C VAL A 59 -3.88 -0.68 -6.94
N LYS A 60 -4.50 -1.44 -7.84
CA LYS A 60 -5.83 -1.06 -8.23
C LYS A 60 -6.83 -1.32 -7.10
N LEU A 61 -6.72 -2.49 -6.47
CA LEU A 61 -7.67 -2.86 -5.41
C LEU A 61 -7.57 -1.86 -4.28
N ALA A 62 -6.35 -1.48 -3.87
CA ALA A 62 -6.16 -0.60 -2.71
C ALA A 62 -6.79 0.77 -2.94
N PHE A 63 -6.57 1.30 -4.14
CA PHE A 63 -7.12 2.59 -4.52
C PHE A 63 -8.67 2.58 -4.57
N ASP A 64 -9.27 1.58 -5.22
CA ASP A 64 -10.75 1.46 -5.18
C ASP A 64 -11.26 1.50 -3.76
N ARG A 65 -10.63 0.69 -2.92
CA ARG A 65 -10.97 0.51 -1.52
C ARG A 65 -10.94 1.88 -0.90
N GLN A 66 -9.90 2.64 -1.23
CA GLN A 66 -9.81 3.98 -0.75
C GLN A 66 -10.93 4.94 -1.23
N VAL A 67 -11.21 4.96 -2.52
CA VAL A 67 -12.23 5.80 -3.10
C VAL A 67 -13.59 5.62 -2.42
N ALA A 68 -13.96 4.36 -2.24
CA ALA A 68 -15.21 3.96 -1.64
C ALA A 68 -15.20 4.15 -0.14
N GLU A 69 -14.01 4.24 0.47
CA GLU A 69 -13.97 4.53 1.89
C GLU A 69 -14.20 6.04 2.08
N LEU A 70 -13.76 6.83 1.11
CA LEU A 70 -13.97 8.27 1.13
C LEU A 70 -14.97 8.83 0.09
N HIS A 71 -15.83 7.99 -0.47
CA HIS A 71 -16.89 8.49 -1.41
C HIS A 71 -17.53 9.85 -1.08
N THR A 72 -18.11 9.98 0.11
CA THR A 72 -18.61 11.28 0.57
C THR A 72 -18.31 11.38 2.04
N ILE A 73 -17.12 11.88 2.34
CA ILE A 73 -16.83 12.35 3.67
C ILE A 73 -16.46 13.82 3.45
N ALA A 74 -17.40 14.71 3.78
CA ALA A 74 -17.24 16.13 3.55
C ALA A 74 -16.12 16.66 4.42
N ASP A 75 -16.03 16.09 5.62
CA ASP A 75 -15.20 16.62 6.68
C ASP A 75 -13.69 16.25 6.51
N ALA A 76 -12.90 17.26 6.13
CA ALA A 76 -11.48 17.13 5.78
C ALA A 76 -10.55 16.47 6.79
N ARG A 77 -11.02 16.36 8.03
CA ARG A 77 -10.23 15.88 9.14
C ARG A 77 -10.53 14.43 9.29
N GLU A 78 -11.80 14.07 9.11
CA GLU A 78 -12.23 12.68 9.17
C GLU A 78 -11.64 11.93 7.98
N ARG A 79 -11.53 12.63 6.83
CA ARG A 79 -10.94 12.09 5.60
C ARG A 79 -9.48 11.71 5.90
N LEU A 80 -8.75 12.69 6.42
CA LEU A 80 -7.36 12.48 6.70
C LEU A 80 -7.19 11.39 7.75
N VAL A 81 -8.08 11.36 8.73
CA VAL A 81 -8.06 10.28 9.73
C VAL A 81 -8.26 8.91 9.11
N ARG A 82 -9.30 8.76 8.29
CA ARG A 82 -9.56 7.51 7.59
C ARG A 82 -8.48 7.10 6.58
N LEU A 83 -7.89 8.08 5.87
CA LEU A 83 -6.71 7.82 5.01
C LEU A 83 -5.62 7.19 5.84
N VAL A 84 -5.37 7.81 6.99
CA VAL A 84 -4.42 7.24 7.90
C VAL A 84 -4.80 5.80 8.25
N GLU A 85 -6.07 5.59 8.57
CA GLU A 85 -6.61 4.27 8.92
C GLU A 85 -6.46 3.19 7.86
N LEU A 86 -6.71 3.54 6.60
CA LEU A 86 -6.49 2.66 5.44
C LEU A 86 -5.07 2.22 5.22
N GLN A 87 -4.11 2.94 5.84
CA GLN A 87 -2.69 2.66 5.73
C GLN A 87 -2.14 1.81 6.85
N LEU A 88 -2.97 1.41 7.79
CA LEU A 88 -2.44 0.66 8.93
C LEU A 88 -2.34 -0.79 8.51
N PRO A 89 -1.28 -1.49 8.96
CA PRO A 89 -1.16 -2.87 8.46
C PRO A 89 -1.96 -3.79 9.35
N THR A 90 -3.29 -3.63 9.31
CA THR A 90 -4.18 -4.46 10.14
C THR A 90 -3.99 -5.90 9.68
N PRO A 91 -4.22 -6.88 10.58
CA PRO A 91 -4.01 -8.28 10.17
C PRO A 91 -4.80 -8.71 8.92
N GLY A 92 -4.21 -9.52 8.06
CA GLY A 92 -4.94 -9.92 6.87
C GLY A 92 -4.52 -9.09 5.66
N LEU A 93 -5.46 -8.51 4.92
CA LEU A 93 -5.11 -7.96 3.60
C LEU A 93 -4.15 -6.82 3.68
N LEU A 94 -4.39 -5.87 4.59
CA LEU A 94 -3.54 -4.68 4.70
C LEU A 94 -2.13 -4.98 5.17
N ARG A 95 -2.02 -5.95 6.09
CA ARG A 95 -0.71 -6.47 6.56
C ARG A 95 0.04 -7.12 5.38
N ASP A 96 -0.73 -7.86 4.58
CA ASP A 96 -0.14 -8.42 3.36
C ASP A 96 0.30 -7.32 2.38
N GLU A 97 -0.49 -6.27 2.19
CA GLU A 97 -0.05 -5.21 1.27
C GLU A 97 1.27 -4.60 1.72
N TRP A 98 1.39 -4.34 3.02
CA TRP A 98 2.66 -3.80 3.56
C TRP A 98 3.85 -4.71 3.26
N SER A 99 3.60 -6.00 3.19
CA SER A 99 4.69 -6.93 3.06
C SER A 99 5.26 -6.79 1.71
N VAL A 100 4.39 -6.58 0.75
CA VAL A 100 4.83 -6.43 -0.59
C VAL A 100 5.51 -5.10 -0.78
N TRP A 101 4.95 -4.05 -0.21
CA TRP A 101 5.56 -2.70 -0.27
C TRP A 101 7.02 -2.82 0.07
N LEU A 102 7.31 -3.48 1.18
CA LEU A 102 8.67 -3.58 1.63
C LEU A 102 9.55 -4.25 0.60
N GLN A 103 8.98 -5.18 -0.16
CA GLN A 103 9.73 -5.92 -1.18
C GLN A 103 9.86 -5.07 -2.39
N VAL A 104 8.82 -4.30 -2.66
CA VAL A 104 8.78 -3.48 -3.84
C VAL A 104 9.81 -2.36 -3.66
N TRP A 105 10.01 -1.89 -2.42
CA TRP A 105 11.02 -0.87 -2.23
C TRP A 105 12.44 -1.33 -2.60
N THR A 106 12.82 -2.57 -2.30
CA THR A 106 14.15 -3.01 -2.76
C THR A 106 14.16 -3.36 -4.22
N GLU A 107 13.14 -4.03 -4.72
CA GLU A 107 13.11 -4.25 -6.17
C GLU A 107 13.18 -2.95 -6.90
N SER A 108 12.55 -1.88 -6.40
CA SER A 108 12.58 -0.58 -7.11
C SER A 108 13.98 -0.13 -7.44
N THR A 109 14.91 -0.40 -6.56
CA THR A 109 16.24 0.18 -6.64
C THR A 109 17.03 -0.57 -7.71
N LEU A 110 16.42 -1.62 -8.26
CA LEU A 110 17.09 -2.49 -9.24
C LEU A 110 16.33 -2.63 -10.54
N ASN A 111 15.04 -2.29 -10.48
CA ASN A 111 14.12 -2.63 -11.54
C ASN A 111 13.26 -1.43 -11.99
N PRO A 112 13.56 -0.83 -13.17
CA PRO A 112 12.86 0.39 -13.60
C PRO A 112 11.36 0.19 -13.79
N LYS A 113 10.92 -0.99 -14.26
CA LYS A 113 9.45 -1.22 -14.43
C LYS A 113 8.70 -1.25 -13.12
N ILE A 114 9.33 -1.87 -12.11
CA ILE A 114 8.72 -1.98 -10.77
C ILE A 114 8.79 -0.59 -10.12
N ARG A 115 9.92 0.10 -10.32
CA ARG A 115 10.12 1.47 -9.89
C ARG A 115 9.05 2.44 -10.43
N ASP A 116 8.86 2.43 -11.74
CA ASP A 116 7.76 3.19 -12.39
C ASP A 116 6.42 2.90 -11.77
N LEU A 117 6.01 1.64 -11.83
CA LEU A 117 4.71 1.26 -11.31
C LEU A 117 4.61 1.76 -9.84
N TYR A 118 5.65 1.55 -9.02
CA TYR A 118 5.52 1.91 -7.60
C TYR A 118 5.43 3.44 -7.40
N ASN A 119 6.20 4.19 -8.18
CA ASN A 119 6.11 5.65 -8.12
C ASN A 119 4.77 6.25 -8.53
N ASP A 120 4.13 5.70 -9.56
CA ASP A 120 2.79 6.17 -9.94
C ASP A 120 1.86 5.94 -8.82
N ALA A 121 1.95 4.77 -8.20
CA ALA A 121 0.94 4.43 -7.20
C ALA A 121 1.16 5.29 -5.97
N TYR A 122 2.41 5.45 -5.60
CA TYR A 122 2.67 6.25 -4.42
C TYR A 122 2.23 7.72 -4.69
N ASP A 123 2.69 8.25 -5.82
CA ASP A 123 2.39 9.59 -6.26
C ASP A 123 0.94 9.91 -6.23
N ARG A 124 0.11 8.95 -6.66
CA ARG A 124 -1.31 9.12 -6.65
C ARG A 124 -1.91 9.30 -5.25
N TRP A 125 -1.36 8.58 -4.28
CA TRP A 125 -1.84 8.53 -2.93
C TRP A 125 -1.28 9.76 -2.23
N TYR A 126 -0.03 10.08 -2.49
CA TYR A 126 0.49 11.32 -2.00
C TYR A 126 -0.31 12.58 -2.45
N GLN A 127 -0.69 12.66 -3.73
CA GLN A 127 -1.56 13.75 -4.26
C GLN A 127 -2.90 13.87 -3.53
N THR A 128 -3.43 12.71 -3.15
CA THR A 128 -4.61 12.54 -2.34
C THR A 128 -4.36 13.11 -0.93
N ILE A 129 -3.18 12.90 -0.36
CA ILE A 129 -2.87 13.43 0.97
C ILE A 129 -2.86 14.93 0.94
N ALA A 130 -2.08 15.47 0.02
CA ALA A 130 -1.89 16.92 -0.14
C ALA A 130 -3.21 17.65 -0.42
N MSE A 131 -4.04 17.06 -1.27
CA MSE A 131 -5.38 17.62 -1.64
C MSE A 131 -6.24 17.78 -0.41
O MSE A 131 -6.73 18.86 -0.11
CB MSE A 131 -6.07 16.66 -2.61
CG MSE A 131 -7.61 16.76 -2.62
SE MSE A 131 -8.28 15.90 -4.26
CE MSE A 131 -7.51 17.23 -5.52
N THR A 132 -6.41 16.68 0.32
CA THR A 132 -7.06 16.68 1.60
C THR A 132 -6.47 17.74 2.55
N ILE A 133 -5.15 17.92 2.56
CA ILE A 133 -4.62 19.00 3.37
C ILE A 133 -5.05 20.37 2.82
N ARG A 134 -5.01 20.57 1.50
CA ARG A 134 -5.37 21.87 0.95
C ARG A 134 -6.84 22.18 1.17
N THR A 135 -7.65 21.12 1.11
CA THR A 135 -9.09 21.22 1.37
C THR A 135 -9.30 21.56 2.84
N GLY A 136 -8.69 20.80 3.75
CA GLY A 136 -8.82 21.11 5.17
C GLY A 136 -8.32 22.51 5.54
N GLN A 137 -7.29 22.96 4.82
CA GLN A 137 -6.74 24.32 4.94
C GLN A 137 -7.81 25.33 4.55
N LYS A 138 -8.41 25.17 3.37
CA LYS A 138 -9.45 26.10 2.89
C LYS A 138 -10.68 26.23 3.82
N GLN A 139 -11.05 25.15 4.51
CA GLN A 139 -12.08 25.17 5.58
C GLN A 139 -11.63 25.83 6.89
N GLY A 140 -10.36 26.23 6.96
CA GLY A 140 -9.78 26.77 8.19
C GLY A 140 -9.66 25.76 9.32
N VAL A 141 -9.90 24.47 9.03
CA VAL A 141 -9.73 23.40 10.05
C VAL A 141 -8.26 22.97 10.19
N PHE A 142 -7.44 23.26 9.18
CA PHE A 142 -5.99 22.94 9.18
C PHE A 142 -5.14 24.22 9.06
N ARG A 143 -3.93 24.19 9.60
CA ARG A 143 -2.98 25.32 9.55
C ARG A 143 -2.42 25.58 8.16
N ASP A 144 -2.09 26.81 7.84
CA ASP A 144 -1.61 27.11 6.47
C ASP A 144 -0.12 26.85 6.33
N GLN A 145 0.28 25.60 6.26
CA GLN A 145 1.68 25.28 5.97
C GLN A 145 1.74 24.70 4.57
N ASP A 146 2.91 24.75 3.94
CA ASP A 146 3.09 24.17 2.62
C ASP A 146 2.54 22.78 2.70
N ALA A 147 1.46 22.55 1.99
CA ALA A 147 0.79 21.27 1.96
C ALA A 147 1.70 20.12 1.50
N ASP A 148 2.53 20.37 0.49
CA ASP A 148 3.46 19.38 -0.01
C ASP A 148 4.50 18.99 1.03
N GLU A 149 5.18 19.97 1.60
CA GLU A 149 6.12 19.70 2.71
C GLU A 149 5.38 18.89 3.80
N LEU A 150 4.10 19.18 4.02
CA LEU A 150 3.34 18.45 5.03
C LEU A 150 2.97 17.04 4.63
N ALA A 151 2.49 16.85 3.40
CA ALA A 151 2.17 15.51 2.95
C ALA A 151 3.41 14.62 2.90
N THR A 152 4.57 15.21 2.59
CA THR A 152 5.85 14.50 2.57
C THR A 152 6.11 14.00 3.98
N ARG A 153 6.01 14.88 4.97
CA ARG A 153 6.21 14.47 6.37
C ARG A 153 5.30 13.33 6.75
N LEU A 154 4.00 13.52 6.47
CA LEU A 154 2.96 12.64 6.92
C LEU A 154 3.11 11.27 6.30
N SER A 155 3.38 11.25 5.01
CA SER A 155 3.55 9.98 4.33
C SER A 155 4.91 9.28 4.66
N ALA A 156 5.97 10.04 4.82
CA ALA A 156 7.22 9.48 5.40
C ALA A 156 7.00 8.88 6.79
N LEU A 157 6.22 9.55 7.62
CA LEU A 157 5.92 9.05 8.98
C LEU A 157 5.13 7.71 8.99
N ILE A 158 4.13 7.64 8.13
CA ILE A 158 3.34 6.43 8.00
C ILE A 158 4.23 5.24 7.60
N ASP A 159 5.10 5.47 6.62
CA ASP A 159 6.06 4.44 6.17
C ASP A 159 7.05 4.05 7.29
N GLY A 160 7.65 5.04 7.95
CA GLY A 160 8.61 4.68 9.04
C GLY A 160 7.93 3.94 10.15
N LEU A 161 6.74 4.39 10.58
CA LEU A 161 5.99 3.67 11.64
C LEU A 161 5.57 2.23 11.21
N GLY A 162 5.10 2.09 9.99
CA GLY A 162 4.83 0.79 9.40
C GLY A 162 5.97 -0.22 9.49
N ILE A 163 7.15 0.21 9.06
CA ILE A 163 8.35 -0.60 9.22
C ILE A 163 8.54 -1.02 10.69
N GLN A 164 8.47 -0.06 11.61
CA GLN A 164 8.61 -0.41 13.03
C GLN A 164 7.59 -1.51 13.46
N VAL A 165 6.37 -1.41 12.97
CA VAL A 165 5.38 -2.42 13.32
C VAL A 165 5.82 -3.75 12.70
N LEU A 166 6.02 -3.79 11.39
CA LEU A 166 6.36 -5.06 10.72
C LEU A 166 7.66 -5.68 11.17
N THR A 167 8.67 -4.86 11.52
CA THR A 167 9.90 -5.45 12.03
C THR A 167 9.87 -5.85 13.49
N GLY A 168 8.77 -5.60 14.20
CA GLY A 168 8.65 -6.06 15.59
C GLY A 168 9.41 -5.23 16.62
N LYS A 169 9.56 -3.94 16.36
CA LYS A 169 10.13 -3.03 17.34
C LYS A 169 9.30 -3.06 18.63
N ARG A 170 10.02 -3.20 19.75
CA ARG A 170 9.45 -3.26 21.08
C ARG A 170 8.45 -2.13 21.40
N GLY A 171 7.26 -2.53 21.85
CA GLY A 171 6.17 -1.62 22.23
C GLY A 171 5.46 -0.98 21.04
N CYS A 172 5.80 -1.40 19.82
CA CYS A 172 5.05 -0.99 18.62
C CYS A 172 3.95 -1.97 18.43
N SER A 173 2.89 -1.48 17.80
CA SER A 173 1.74 -2.29 17.43
C SER A 173 0.91 -1.40 16.52
N VAL A 174 -0.11 -2.00 15.90
CA VAL A 174 -1.01 -1.27 15.02
C VAL A 174 -1.73 -0.21 15.85
N ASP A 175 -2.14 -0.60 17.07
CA ASP A 175 -2.83 0.29 17.98
C ASP A 175 -1.93 1.55 18.20
N HIS A 176 -0.66 1.35 18.53
CA HIS A 176 0.27 2.46 18.80
C HIS A 176 0.59 3.33 17.55
N MSE A 177 0.80 2.71 16.39
CA MSE A 177 0.90 3.50 15.15
C MSE A 177 -0.27 4.41 14.90
O MSE A 177 -0.10 5.52 14.43
CB MSE A 177 0.95 2.61 13.93
CG MSE A 177 1.32 3.36 12.67
SE MSE A 177 1.70 1.96 11.33
CE MSE A 177 1.45 2.91 9.60
N ARG A 178 -1.49 3.95 15.19
CA ARG A 178 -2.69 4.77 15.01
C ARG A 178 -2.72 5.97 15.96
N GLN A 179 -2.51 5.72 17.25
CA GLN A 179 -2.40 6.82 18.22
C GLN A 179 -1.39 7.85 17.75
N HIS A 180 -0.21 7.39 17.36
CA HIS A 180 0.90 8.28 17.01
C HIS A 180 0.54 9.20 15.84
N LEU A 181 0.10 8.58 14.76
CA LEU A 181 -0.39 9.29 13.58
C LEU A 181 -1.54 10.26 13.90
N ASN A 182 -2.52 9.81 14.69
CA ASN A 182 -3.59 10.73 15.05
C ASN A 182 -3.09 11.94 15.86
N ASP A 183 -2.01 11.75 16.63
CA ASP A 183 -1.43 12.84 17.37
C ASP A 183 -0.64 13.74 16.46
N PHE A 184 0.08 13.19 15.49
CA PHE A 184 0.79 14.06 14.58
C PHE A 184 -0.22 14.99 13.95
N ILE A 185 -1.43 14.46 13.71
CA ILE A 185 -2.51 15.19 13.04
C ILE A 185 -3.07 16.30 13.95
N GLU A 186 -3.62 15.89 15.11
CA GLU A 186 -4.21 16.82 16.10
C GLU A 186 -3.30 17.99 16.46
N HIS A 187 -1.99 17.70 16.53
CA HIS A 187 -1.00 18.66 17.00
C HIS A 187 -0.17 19.40 15.92
N ASN A 188 -0.12 18.85 14.70
CA ASN A 188 0.76 19.43 13.68
C ASN A 188 0.07 19.85 12.44
N ILE A 189 -1.14 19.35 12.25
CA ILE A 189 -1.91 19.62 11.05
C ILE A 189 -3.13 20.47 11.41
N VAL A 190 -3.78 20.12 12.51
CA VAL A 190 -5.00 20.79 12.97
C VAL A 190 -4.75 22.19 13.58
N GLU A 191 -5.67 23.12 13.30
CA GLU A 191 -5.50 24.54 13.67
C GLU A 191 -5.33 24.79 15.18
C1 BEN B . 1.98 3.35 -0.15
C2 BEN B . 0.77 4.01 -0.25
C3 BEN B . 0.06 3.90 -1.44
C4 BEN B . 0.56 3.17 -2.51
C5 BEN B . 1.79 2.51 -2.41
C6 BEN B . 2.49 2.61 -1.23
C BEN B . 2.78 3.46 1.12
N1 BEN B . 2.33 3.02 2.17
N2 BEN B . 3.99 4.04 1.05
C1 BME C . 4.77 2.89 15.95
C2 BME C . 5.77 3.28 17.05
O1 BME C . 4.08 1.70 16.33
S2 BME C . 6.52 1.79 17.75
#